data_1QOU
#
_entry.id   1QOU
#
_cell.length_a   40.890
_cell.length_b   77.650
_cell.length_c   117.970
_cell.angle_alpha   90.00
_cell.angle_beta   90.00
_cell.angle_gamma   90.00
#
_symmetry.space_group_name_H-M   'P 21 21 21'
#
loop_
_entity.id
_entity.type
_entity.pdbx_description
1 polymer CEN
2 water water
#
_entity_poly.entity_id   1
_entity_poly.type   'polypeptide(L)'
_entity_poly.pdbx_seq_one_letter_code
;MAAKVSSDPLVIGRVIGDVVDHFTSTVKMSVIYNSNNSIKHVYNGHELFPSAVTSTPRVEVHGGDMRSFFTLIMTDPDVP
GPSDPYLREHLHWIVTDIPGTTDSSFGKEVVSYEMPRPNIGIHRFVFLLFKQKKRGQAMLSPPVVCRDGFNTRKFTQENE
LGLPVAAVFFNCQRETAARRR
;
_entity_poly.pdbx_strand_id   A,B
#
# COMPACT_ATOMS: atom_id res chain seq x y z
N GLY A 13 -10.43 24.29 2.48
CA GLY A 13 -10.41 24.10 0.99
C GLY A 13 -9.12 24.65 0.37
N ARG A 14 -8.63 25.77 0.91
CA ARG A 14 -7.44 26.44 0.48
C ARG A 14 -6.17 25.62 0.72
N VAL A 15 -6.19 24.78 1.76
CA VAL A 15 -5.05 23.95 2.08
C VAL A 15 -5.02 22.64 1.27
N ILE A 16 -6.19 22.23 0.77
CA ILE A 16 -6.31 20.93 0.16
C ILE A 16 -6.71 20.96 -1.31
N GLY A 17 -6.36 22.03 -2.04
CA GLY A 17 -6.64 22.15 -3.46
C GLY A 17 -5.89 21.14 -4.31
N ASP A 18 -4.87 20.41 -3.84
CA ASP A 18 -4.25 19.33 -4.63
C ASP A 18 -5.06 18.03 -4.53
N VAL A 19 -5.98 17.98 -3.57
CA VAL A 19 -6.85 16.80 -3.39
C VAL A 19 -8.23 16.94 -4.01
N VAL A 20 -8.91 18.09 -3.84
CA VAL A 20 -10.24 18.32 -4.36
C VAL A 20 -10.39 19.77 -4.88
N ASP A 21 -11.31 20.07 -5.79
CA ASP A 21 -11.53 21.44 -6.28
C ASP A 21 -12.14 22.34 -5.22
N HIS A 22 -12.04 23.67 -5.36
CA HIS A 22 -12.57 24.56 -4.31
C HIS A 22 -14.09 24.39 -4.14
N PHE A 23 -14.58 24.52 -2.92
CA PHE A 23 -16.02 24.32 -2.65
C PHE A 23 -16.52 25.25 -1.56
N THR A 24 -17.85 25.35 -1.37
CA THR A 24 -18.35 26.14 -0.25
C THR A 24 -19.03 25.21 0.74
N SER A 25 -18.59 25.12 1.97
CA SER A 25 -19.17 24.24 2.97
C SER A 25 -20.65 24.48 3.26
N THR A 26 -21.53 23.48 3.13
CA THR A 26 -22.94 23.67 3.44
C THR A 26 -23.41 22.86 4.64
N VAL A 27 -22.60 21.98 5.20
CA VAL A 27 -22.97 21.15 6.35
C VAL A 27 -21.80 21.17 7.33
N LYS A 28 -22.03 21.14 8.64
CA LYS A 28 -21.05 21.11 9.68
C LYS A 28 -20.76 19.69 10.18
N MET A 29 -19.53 19.39 10.55
CA MET A 29 -19.20 18.07 11.06
C MET A 29 -18.08 18.14 12.07
N SER A 30 -17.96 17.19 12.99
CA SER A 30 -16.93 17.18 14.01
C SER A 30 -16.22 15.82 14.05
N VAL A 31 -14.92 15.76 14.32
CA VAL A 31 -14.28 14.42 14.34
C VAL A 31 -13.81 14.18 15.75
N ILE A 32 -14.36 13.25 16.50
CA ILE A 32 -14.01 13.00 17.91
C ILE A 32 -13.22 11.70 18.06
N TYR A 33 -12.03 11.79 18.70
CA TYR A 33 -11.31 10.52 18.85
C TYR A 33 -11.40 10.07 20.30
N ASN A 34 -11.15 8.79 20.57
CA ASN A 34 -11.06 8.38 21.97
C ASN A 34 -9.61 8.03 22.37
N SER A 38 -10.78 11.50 28.49
CA SER A 38 -9.92 11.08 27.40
C SER A 38 -10.48 11.33 26.01
N ILE A 39 -11.43 12.25 25.80
CA ILE A 39 -11.88 12.49 24.42
C ILE A 39 -11.10 13.66 23.85
N LYS A 40 -10.87 13.67 22.55
CA LYS A 40 -10.10 14.65 21.81
C LYS A 40 -10.92 15.01 20.55
N HIS A 41 -11.02 16.29 20.27
CA HIS A 41 -11.76 16.79 19.11
C HIS A 41 -10.77 17.23 18.06
N VAL A 42 -10.94 17.05 16.79
CA VAL A 42 -9.97 17.50 15.81
C VAL A 42 -10.17 18.96 15.46
N TYR A 43 -9.13 19.80 15.54
CA TYR A 43 -9.16 21.19 15.12
C TYR A 43 -8.32 21.33 13.87
N ASN A 44 -8.76 21.96 12.81
CA ASN A 44 -8.02 22.02 11.58
C ASN A 44 -6.58 22.53 11.72
N GLY A 45 -5.60 21.83 11.16
CA GLY A 45 -4.23 22.32 11.19
C GLY A 45 -3.50 21.99 12.46
N HIS A 46 -4.14 21.46 13.50
CA HIS A 46 -3.42 21.10 14.73
C HIS A 46 -2.74 19.72 14.55
N GLU A 47 -1.71 19.47 15.33
CA GLU A 47 -1.00 18.18 15.28
C GLU A 47 -1.46 17.18 16.32
N LEU A 48 -1.62 15.89 15.98
CA LEU A 48 -1.97 14.84 16.92
C LEU A 48 -0.88 13.78 16.84
N PHE A 49 -0.54 13.13 17.95
CA PHE A 49 0.48 12.09 17.95
C PHE A 49 -0.18 10.81 17.45
N PRO A 50 0.56 9.88 16.85
CA PRO A 50 0.05 8.62 16.38
C PRO A 50 -0.69 7.81 17.44
N SER A 51 -0.22 7.88 18.71
CA SER A 51 -0.81 7.07 19.77
C SER A 51 -2.23 7.53 20.12
N ALA A 52 -2.57 8.79 19.82
CA ALA A 52 -3.90 9.28 20.07
C ALA A 52 -4.92 8.90 19.01
N VAL A 53 -4.56 8.37 17.86
CA VAL A 53 -5.47 8.11 16.76
C VAL A 53 -5.49 6.68 16.28
N THR A 54 -5.12 5.75 17.17
CA THR A 54 -5.13 4.32 16.88
C THR A 54 -6.54 3.75 16.77
N SER A 55 -7.52 4.31 17.49
CA SER A 55 -8.90 3.83 17.41
C SER A 55 -9.73 4.52 16.33
N THR A 56 -10.82 3.92 15.86
CA THR A 56 -11.68 4.58 14.90
C THR A 56 -12.44 5.76 15.53
N PRO A 57 -12.46 6.92 14.93
CA PRO A 57 -13.13 8.06 15.59
C PRO A 57 -14.62 8.07 15.25
N ARG A 58 -15.37 9.00 15.89
CA ARG A 58 -16.80 9.12 15.54
C ARG A 58 -16.89 10.45 14.77
N VAL A 59 -17.51 10.51 13.63
CA VAL A 59 -17.67 11.74 12.87
C VAL A 59 -19.15 12.14 12.94
N GLU A 60 -19.44 13.19 13.70
CA GLU A 60 -20.80 13.71 13.88
C GLU A 60 -21.21 14.50 12.64
N VAL A 61 -22.34 14.23 12.01
CA VAL A 61 -22.78 14.95 10.82
C VAL A 61 -23.94 15.86 11.21
N HIS A 62 -23.70 17.11 11.56
CA HIS A 62 -24.66 18.04 12.05
C HIS A 62 -25.77 18.57 11.16
N GLY A 63 -25.65 18.60 9.87
CA GLY A 63 -26.65 19.11 8.94
C GLY A 63 -27.16 18.02 8.02
N GLY A 64 -27.85 18.41 6.95
CA GLY A 64 -28.51 17.55 6.00
C GLY A 64 -30.03 17.52 6.19
N ASP A 65 -30.81 17.46 5.11
CA ASP A 65 -32.25 17.41 5.09
C ASP A 65 -32.81 16.07 5.57
N MET A 66 -34.15 16.00 5.60
CA MET A 66 -34.88 14.82 6.05
C MET A 66 -34.41 13.51 5.43
N ARG A 67 -34.60 13.31 4.13
CA ARG A 67 -34.12 12.05 3.56
C ARG A 67 -32.74 12.16 2.91
N SER A 68 -31.76 12.79 3.55
CA SER A 68 -30.44 12.95 2.92
C SER A 68 -29.43 11.93 3.40
N PHE A 69 -28.53 11.49 2.51
CA PHE A 69 -27.49 10.52 2.81
C PHE A 69 -26.10 10.95 2.29
N PHE A 70 -25.07 10.69 3.09
CA PHE A 70 -23.69 11.14 2.86
C PHE A 70 -22.61 10.07 2.96
N THR A 71 -21.51 10.29 2.19
CA THR A 71 -20.35 9.40 2.15
C THR A 71 -19.12 10.14 2.74
N LEU A 72 -18.38 9.45 3.59
CA LEU A 72 -17.20 10.02 4.23
C LEU A 72 -15.90 9.34 3.75
N ILE A 73 -14.92 10.11 3.27
CA ILE A 73 -13.63 9.55 2.85
C ILE A 73 -12.48 10.13 3.70
N MET A 74 -11.55 9.31 4.16
CA MET A 74 -10.39 9.74 4.94
C MET A 74 -9.14 9.36 4.08
N THR A 75 -8.33 10.33 3.69
CA THR A 75 -7.20 10.05 2.82
C THR A 75 -5.90 10.79 3.19
N ASP A 76 -4.72 10.23 2.80
CA ASP A 76 -3.43 10.93 3.07
C ASP A 76 -2.74 11.22 1.75
N PRO A 77 -2.68 12.46 1.31
CA PRO A 77 -2.06 12.81 0.04
C PRO A 77 -0.55 13.00 0.08
N ASP A 78 0.11 12.94 1.22
CA ASP A 78 1.52 13.25 1.41
C ASP A 78 2.40 12.00 1.52
N VAL A 79 2.30 11.04 0.61
CA VAL A 79 3.03 9.75 0.77
C VAL A 79 4.05 9.53 -0.32
N PRO A 80 5.23 9.03 0.07
CA PRO A 80 5.57 8.66 1.43
C PRO A 80 5.97 9.79 2.33
N GLY A 81 6.16 10.99 1.77
CA GLY A 81 6.41 12.23 2.49
C GLY A 81 5.92 13.45 1.69
N PRO A 82 5.60 14.57 2.30
CA PRO A 82 5.07 15.76 1.60
C PRO A 82 6.02 16.47 0.64
N SER A 83 7.32 16.29 0.72
CA SER A 83 8.26 16.94 -0.20
C SER A 83 8.27 16.27 -1.56
N ASP A 84 8.13 14.96 -1.66
CA ASP A 84 8.07 14.28 -2.94
C ASP A 84 7.02 13.18 -2.84
N PRO A 85 5.74 13.58 -2.95
CA PRO A 85 4.63 12.64 -2.79
C PRO A 85 4.32 11.78 -3.99
N TYR A 86 5.22 10.84 -4.34
CA TYR A 86 5.04 10.05 -5.56
C TYR A 86 4.12 8.86 -5.43
N LEU A 87 3.65 8.47 -4.24
CA LEU A 87 2.61 7.48 -4.10
C LEU A 87 1.21 8.01 -3.76
N ARG A 88 0.98 9.31 -3.89
CA ARG A 88 -0.35 9.86 -3.57
C ARG A 88 -1.48 9.18 -4.31
N GLU A 89 -2.64 8.95 -3.67
CA GLU A 89 -2.89 9.21 -2.27
C GLU A 89 -2.92 7.85 -1.56
N HIS A 90 -2.88 7.75 -0.22
CA HIS A 90 -3.06 6.46 0.45
C HIS A 90 -4.43 6.55 1.18
N LEU A 91 -5.38 5.67 0.85
CA LEU A 91 -6.74 5.69 1.43
C LEU A 91 -6.81 5.07 2.82
N HIS A 92 -7.44 5.71 3.80
CA HIS A 92 -7.58 5.21 5.15
C HIS A 92 -8.99 4.73 5.53
N TRP A 93 -10.06 5.27 4.95
CA TRP A 93 -11.43 4.87 5.45
C TRP A 93 -12.48 5.28 4.45
N ILE A 94 -13.59 4.53 4.29
CA ILE A 94 -14.71 4.98 3.46
C ILE A 94 -16.01 4.46 4.16
N VAL A 95 -16.94 5.38 4.40
CA VAL A 95 -18.20 5.00 5.06
C VAL A 95 -19.32 5.54 4.15
N THR A 96 -20.30 4.69 3.79
CA THR A 96 -21.41 5.20 2.99
C THR A 96 -22.75 5.26 3.67
N ASP A 97 -23.73 5.93 3.04
CA ASP A 97 -25.09 6.00 3.57
C ASP A 97 -25.26 6.49 5.00
N ILE A 98 -24.57 7.55 5.41
CA ILE A 98 -24.80 8.10 6.72
C ILE A 98 -25.96 9.09 6.64
N PRO A 99 -27.02 8.86 7.41
CA PRO A 99 -28.14 9.80 7.35
C PRO A 99 -27.80 11.18 7.85
N GLY A 100 -28.29 12.24 7.21
CA GLY A 100 -28.14 13.60 7.72
C GLY A 100 -28.55 13.68 9.19
N THR A 101 -27.94 14.56 9.94
CA THR A 101 -28.09 14.85 11.37
C THR A 101 -27.68 13.72 12.31
N THR A 102 -27.12 12.60 11.85
CA THR A 102 -26.64 11.52 12.67
C THR A 102 -25.09 11.45 12.74
N ASP A 103 -24.47 10.28 12.62
CA ASP A 103 -23.01 10.20 12.72
C ASP A 103 -22.54 8.95 12.00
N SER A 104 -21.22 8.79 11.79
CA SER A 104 -20.60 7.67 11.09
C SER A 104 -20.93 6.28 11.56
N SER A 105 -21.24 6.05 12.83
CA SER A 105 -21.59 4.71 13.29
C SER A 105 -22.87 4.20 12.63
N PHE A 106 -23.76 5.09 12.20
CA PHE A 106 -25.01 4.71 11.55
C PHE A 106 -24.90 4.39 10.08
N GLY A 107 -23.74 4.62 9.46
CA GLY A 107 -23.54 4.30 8.06
C GLY A 107 -23.02 2.88 7.84
N LYS A 108 -22.65 2.56 6.60
CA LYS A 108 -22.07 1.28 6.23
C LYS A 108 -20.57 1.33 5.92
N GLU A 109 -19.77 0.55 6.62
CA GLU A 109 -18.31 0.49 6.38
C GLU A 109 -17.91 -0.10 5.05
N VAL A 110 -17.43 0.63 4.06
CA VAL A 110 -16.99 0.12 2.76
C VAL A 110 -15.50 -0.24 2.77
N VAL A 111 -14.66 0.59 3.38
CA VAL A 111 -13.21 0.34 3.49
C VAL A 111 -12.87 0.57 4.96
N SER A 112 -12.38 -0.45 5.66
CA SER A 112 -12.17 -0.38 7.10
C SER A 112 -11.15 0.68 7.53
N TYR A 113 -11.38 1.27 8.73
CA TYR A 113 -10.39 2.29 9.16
C TYR A 113 -8.98 1.73 9.34
N GLU A 114 -7.98 2.49 8.90
CA GLU A 114 -6.56 2.11 9.08
C GLU A 114 -5.85 3.21 9.86
N MET A 115 -5.17 2.84 10.96
CA MET A 115 -4.58 3.92 11.75
C MET A 115 -3.41 4.65 11.07
N PRO A 116 -3.32 5.93 11.26
CA PRO A 116 -2.20 6.72 10.74
C PRO A 116 -0.85 6.18 11.22
N ARG A 117 0.11 6.05 10.30
CA ARG A 117 1.48 5.62 10.63
C ARG A 117 2.43 6.24 9.59
N PRO A 118 2.57 7.57 9.59
CA PRO A 118 3.27 8.29 8.54
C PRO A 118 4.76 7.97 8.47
N ASN A 119 5.26 7.79 7.23
CA ASN A 119 6.66 7.37 7.05
C ASN A 119 7.61 8.55 7.17
N ILE A 120 7.61 9.41 6.16
CA ILE A 120 8.54 10.55 6.17
C ILE A 120 7.85 11.90 6.40
N GLY A 121 8.41 12.73 7.29
CA GLY A 121 7.91 14.10 7.47
C GLY A 121 6.51 14.23 8.10
N ILE A 122 5.87 15.38 7.85
CA ILE A 122 4.58 15.71 8.50
C ILE A 122 3.48 15.60 7.48
N HIS A 123 2.54 14.69 7.67
CA HIS A 123 1.45 14.44 6.73
C HIS A 123 0.08 14.99 7.16
N ARG A 124 -0.71 15.45 6.22
CA ARG A 124 -2.10 15.86 6.44
C ARG A 124 -3.02 14.62 6.37
N PHE A 125 -3.84 14.35 7.36
CA PHE A 125 -4.82 13.25 7.37
C PHE A 125 -6.19 13.96 7.18
N VAL A 126 -6.83 13.78 6.02
CA VAL A 126 -7.99 14.58 5.62
C VAL A 126 -9.32 13.83 5.59
N PHE A 127 -10.35 14.48 6.16
CA PHE A 127 -11.70 13.91 6.22
C PHE A 127 -12.62 14.73 5.33
N LEU A 128 -13.29 14.10 4.35
CA LEU A 128 -14.15 14.78 3.40
C LEU A 128 -15.57 14.19 3.32
N LEU A 129 -16.61 15.03 3.31
CA LEU A 129 -17.99 14.52 3.29
C LEU A 129 -18.69 14.89 1.99
N PHE A 130 -19.45 13.98 1.37
CA PHE A 130 -20.12 14.20 0.12
C PHE A 130 -21.63 13.88 0.22
N LYS A 131 -22.49 14.64 -0.44
CA LYS A 131 -23.91 14.30 -0.47
C LYS A 131 -24.22 13.29 -1.58
N GLN A 132 -24.90 12.21 -1.27
CA GLN A 132 -25.25 11.17 -2.23
C GLN A 132 -26.49 11.53 -3.03
N LYS A 133 -26.60 10.95 -4.21
CA LYS A 133 -27.77 11.13 -5.06
C LYS A 133 -28.90 10.23 -4.59
N LYS A 134 -28.71 9.32 -3.61
CA LYS A 134 -29.81 8.52 -3.09
C LYS A 134 -29.34 7.58 -1.98
N ARG A 135 -30.27 7.09 -1.17
CA ARG A 135 -29.94 6.14 -0.11
C ARG A 135 -29.55 4.80 -0.68
N GLY A 136 -28.71 4.03 -0.01
CA GLY A 136 -28.33 2.72 -0.54
C GLY A 136 -27.61 2.97 -1.87
N VAL A 144 -11.27 -4.88 -4.70
CA VAL A 144 -12.27 -3.82 -4.86
C VAL A 144 -11.56 -2.47 -4.97
N VAL A 145 -11.59 -1.60 -3.99
CA VAL A 145 -10.90 -0.32 -4.00
C VAL A 145 -9.47 -0.53 -3.47
N CYS A 146 -8.47 -0.26 -4.29
CA CYS A 146 -7.09 -0.38 -3.81
C CYS A 146 -6.79 0.89 -2.98
N ARG A 147 -6.10 0.79 -1.88
CA ARG A 147 -5.74 1.94 -1.04
C ARG A 147 -4.52 2.68 -1.60
N ASP A 148 -3.62 1.98 -2.33
CA ASP A 148 -2.44 2.65 -2.87
C ASP A 148 -2.66 3.37 -4.19
N GLY A 149 -2.27 4.60 -4.32
CA GLY A 149 -2.52 5.37 -5.55
C GLY A 149 -4.00 5.76 -5.68
N PHE A 150 -4.70 5.86 -4.55
CA PHE A 150 -6.13 6.27 -4.62
C PHE A 150 -6.24 7.68 -5.14
N ASN A 151 -7.31 8.03 -5.86
CA ASN A 151 -7.53 9.38 -6.39
C ASN A 151 -8.90 9.89 -5.99
N THR A 152 -9.03 10.83 -5.05
CA THR A 152 -10.35 11.32 -4.64
C THR A 152 -11.17 11.91 -5.79
N ARG A 153 -10.61 12.72 -6.64
CA ARG A 153 -11.33 13.30 -7.78
C ARG A 153 -11.95 12.23 -8.68
N LYS A 154 -11.13 11.24 -9.06
CA LYS A 154 -11.70 10.16 -9.91
C LYS A 154 -12.73 9.30 -9.21
N PHE A 155 -12.56 8.95 -7.94
CA PHE A 155 -13.59 8.17 -7.25
C PHE A 155 -14.90 8.94 -7.13
N THR A 156 -14.87 10.22 -6.79
CA THR A 156 -16.13 10.99 -6.66
C THR A 156 -16.78 11.22 -8.02
N GLN A 157 -15.98 11.39 -9.08
CA GLN A 157 -16.53 11.53 -10.43
C GLN A 157 -17.24 10.26 -10.85
N GLU A 158 -16.63 9.12 -10.67
CA GLU A 158 -17.19 7.83 -11.03
C GLU A 158 -18.43 7.44 -10.25
N ASN A 159 -18.58 7.89 -9.01
CA ASN A 159 -19.74 7.53 -8.19
C ASN A 159 -20.69 8.71 -8.10
N GLU A 160 -20.56 9.71 -8.96
CA GLU A 160 -21.40 10.89 -8.98
C GLU A 160 -21.61 11.51 -7.59
N LEU A 161 -20.54 11.80 -6.86
CA LEU A 161 -20.64 12.35 -5.50
C LEU A 161 -20.48 13.86 -5.47
N GLY A 162 -20.21 14.51 -6.58
CA GLY A 162 -20.08 15.97 -6.64
C GLY A 162 -18.88 16.50 -5.87
N LEU A 163 -18.96 17.74 -5.38
CA LEU A 163 -17.92 18.38 -4.60
C LEU A 163 -18.23 18.18 -3.12
N PRO A 164 -17.22 18.31 -2.26
CA PRO A 164 -17.38 18.17 -0.84
C PRO A 164 -18.42 19.16 -0.28
N VAL A 165 -19.11 18.80 0.78
CA VAL A 165 -20.00 19.68 1.50
C VAL A 165 -19.38 20.07 2.84
N ALA A 166 -18.28 19.37 3.20
CA ALA A 166 -17.55 19.67 4.42
C ALA A 166 -16.15 19.00 4.41
N ALA A 167 -15.21 19.52 5.20
CA ALA A 167 -13.91 18.82 5.31
C ALA A 167 -13.14 19.31 6.51
N VAL A 168 -12.27 18.47 7.08
CA VAL A 168 -11.38 18.90 8.18
C VAL A 168 -10.08 18.06 8.17
N PHE A 169 -8.96 18.55 8.68
CA PHE A 169 -7.74 17.77 8.68
C PHE A 169 -6.87 17.99 9.90
N PHE A 170 -5.98 17.01 10.19
CA PHE A 170 -5.00 17.19 11.26
C PHE A 170 -3.58 16.87 10.67
N ASN A 171 -2.54 17.37 11.33
CA ASN A 171 -1.16 17.01 10.95
C ASN A 171 -0.64 15.89 11.81
N CYS A 172 0.20 14.95 11.29
CA CYS A 172 0.73 13.88 12.13
C CYS A 172 2.08 13.41 11.66
N GLN A 173 3.03 13.15 12.54
CA GLN A 173 4.35 12.59 12.09
C GLN A 173 4.76 11.36 12.88
N ARG A 174 5.84 10.66 12.49
CA ARG A 174 6.23 9.44 13.18
C ARG A 174 6.67 9.69 14.62
N GLU A 175 6.59 8.61 15.40
CA GLU A 175 7.05 8.59 16.79
C GLU A 175 8.55 8.28 16.77
N THR A 176 9.33 8.93 17.60
CA THR A 176 10.78 8.70 17.63
C THR A 176 11.19 7.67 18.67
N VAL B 5 17.05 -30.32 5.54
CA VAL B 5 18.43 -29.78 5.52
C VAL B 5 18.64 -28.42 6.16
N SER B 6 19.65 -28.35 7.02
CA SER B 6 20.12 -27.21 7.76
C SER B 6 20.84 -26.22 6.85
N SER B 7 21.01 -24.99 7.30
CA SER B 7 21.60 -23.83 6.68
C SER B 7 21.11 -23.35 5.33
N ASP B 8 19.80 -23.47 5.07
CA ASP B 8 19.20 -22.86 3.89
C ASP B 8 18.86 -21.45 4.37
N PRO B 9 19.44 -20.39 3.80
CA PRO B 9 19.16 -19.02 4.18
C PRO B 9 17.70 -18.62 4.07
N LEU B 10 16.90 -19.25 3.22
CA LEU B 10 15.46 -18.98 3.11
C LEU B 10 14.70 -19.53 4.33
N VAL B 11 15.18 -20.58 4.95
CA VAL B 11 14.60 -21.17 6.17
C VAL B 11 15.01 -20.32 7.37
N ILE B 12 16.29 -20.02 7.48
CA ILE B 12 16.81 -19.17 8.56
C ILE B 12 16.20 -17.79 8.54
N GLY B 13 16.07 -17.17 7.34
CA GLY B 13 15.49 -15.83 7.29
C GLY B 13 13.96 -15.84 7.30
N ARG B 14 13.35 -17.01 7.42
CA ARG B 14 11.93 -17.21 7.43
C ARG B 14 11.16 -16.75 6.18
N VAL B 15 11.74 -16.79 4.99
CA VAL B 15 10.98 -16.54 3.76
C VAL B 15 10.01 -17.71 3.60
N ILE B 16 10.56 -18.91 3.78
CA ILE B 16 9.78 -20.15 3.88
C ILE B 16 9.13 -20.06 5.27
N GLY B 17 7.81 -20.01 5.36
CA GLY B 17 7.08 -19.75 6.60
C GLY B 17 6.23 -18.48 6.38
N ASP B 18 6.83 -17.28 6.45
CA ASP B 18 6.06 -16.07 6.27
C ASP B 18 5.53 -15.92 4.85
N VAL B 19 6.30 -16.25 3.81
CA VAL B 19 5.87 -15.97 2.44
C VAL B 19 5.42 -17.13 1.59
N VAL B 20 6.17 -18.25 1.57
CA VAL B 20 5.88 -19.43 0.75
C VAL B 20 6.14 -20.76 1.50
N ASP B 21 5.61 -21.89 1.01
CA ASP B 21 5.88 -23.18 1.65
C ASP B 21 7.32 -23.63 1.32
N HIS B 22 7.79 -24.67 2.00
CA HIS B 22 9.12 -25.22 1.70
C HIS B 22 9.15 -25.66 0.23
N PHE B 23 10.31 -25.49 -0.42
CA PHE B 23 10.48 -25.87 -1.80
C PHE B 23 11.92 -26.26 -2.07
N THR B 24 12.14 -27.03 -3.14
CA THR B 24 13.56 -27.41 -3.41
C THR B 24 13.89 -26.71 -4.73
N SER B 25 14.91 -25.85 -4.75
CA SER B 25 15.15 -25.10 -5.98
C SER B 25 15.61 -25.96 -7.15
N THR B 26 15.08 -25.60 -8.32
CA THR B 26 15.50 -26.30 -9.54
C THR B 26 16.08 -25.40 -10.61
N VAL B 27 16.13 -24.09 -10.42
CA VAL B 27 16.68 -23.14 -11.38
C VAL B 27 17.50 -22.12 -10.61
N LYS B 28 18.64 -21.64 -11.10
CA LYS B 28 19.42 -20.60 -10.46
C LYS B 28 19.09 -19.21 -11.05
N MET B 29 19.18 -18.17 -10.23
CA MET B 29 18.93 -16.80 -10.71
C MET B 29 19.81 -15.80 -9.98
N SER B 30 20.07 -14.62 -10.49
CA SER B 30 20.94 -13.59 -9.93
C SER B 30 20.25 -12.23 -10.08
N VAL B 31 20.19 -11.43 -9.03
CA VAL B 31 19.54 -10.11 -9.10
C VAL B 31 20.67 -9.04 -9.12
N ILE B 32 20.79 -8.26 -10.18
CA ILE B 32 21.89 -7.29 -10.36
C ILE B 32 21.44 -5.84 -10.44
N TYR B 33 21.86 -4.94 -9.54
CA TYR B 33 21.44 -3.55 -9.53
C TYR B 33 22.60 -2.69 -10.08
N ASN B 34 22.27 -1.55 -10.67
CA ASN B 34 23.30 -0.66 -11.21
C ASN B 34 22.72 0.75 -11.09
N SER B 35 22.40 1.17 -9.89
CA SER B 35 21.77 2.48 -9.66
C SER B 35 22.90 3.54 -9.66
N SER B 38 28.81 1.60 -9.76
CA SER B 38 29.11 0.25 -9.29
C SER B 38 27.91 -0.69 -9.44
N ILE B 39 28.21 -1.97 -9.71
CA ILE B 39 27.09 -2.91 -9.84
C ILE B 39 26.95 -3.55 -8.47
N LYS B 40 25.74 -3.80 -8.01
CA LYS B 40 25.59 -4.42 -6.70
C LYS B 40 24.92 -5.76 -6.98
N HIS B 41 25.51 -6.88 -6.60
CA HIS B 41 24.88 -8.18 -6.74
C HIS B 41 24.07 -8.51 -5.48
N VAL B 42 22.86 -9.03 -5.51
CA VAL B 42 22.10 -9.34 -4.30
C VAL B 42 22.56 -10.67 -3.69
N TYR B 43 22.98 -10.63 -2.41
CA TYR B 43 23.38 -11.83 -1.68
C TYR B 43 22.39 -12.06 -0.52
N ASN B 44 21.86 -13.29 -0.38
CA ASN B 44 20.88 -13.57 0.67
C ASN B 44 21.24 -13.07 2.06
N GLY B 45 20.35 -12.30 2.66
CA GLY B 45 20.56 -11.74 4.01
C GLY B 45 21.49 -10.54 4.10
N HIS B 46 22.15 -10.11 3.03
CA HIS B 46 23.00 -8.92 3.06
C HIS B 46 22.16 -7.63 2.99
N GLU B 47 22.64 -6.54 3.57
CA GLU B 47 21.94 -5.28 3.52
C GLU B 47 22.37 -4.37 2.37
N LEU B 48 21.47 -3.64 1.75
CA LEU B 48 21.75 -2.62 0.75
C LEU B 48 21.15 -1.29 1.23
N PHE B 49 21.78 -0.16 0.91
CA PHE B 49 21.14 1.14 1.27
C PHE B 49 20.03 1.46 0.30
N PRO B 50 19.03 2.26 0.68
CA PRO B 50 17.95 2.67 -0.21
C PRO B 50 18.44 3.33 -1.49
N SER B 51 19.51 4.14 -1.38
CA SER B 51 20.07 4.82 -2.54
C SER B 51 20.62 3.89 -3.60
N ALA B 52 20.95 2.63 -3.28
CA ALA B 52 21.49 1.71 -4.26
C ALA B 52 20.42 0.96 -5.02
N VAL B 53 19.15 1.05 -4.58
CA VAL B 53 18.09 0.28 -5.18
C VAL B 53 16.95 1.12 -5.76
N THR B 54 17.24 2.37 -6.10
CA THR B 54 16.25 3.26 -6.69
C THR B 54 15.98 2.86 -8.14
N SER B 55 16.93 2.22 -8.86
CA SER B 55 16.63 1.79 -10.24
C SER B 55 16.06 0.39 -10.36
N THR B 56 15.29 0.00 -11.38
CA THR B 56 14.90 -1.37 -11.60
C THR B 56 16.12 -2.26 -11.81
N PRO B 57 16.23 -3.41 -11.17
CA PRO B 57 17.39 -4.27 -11.37
C PRO B 57 17.23 -5.19 -12.59
N ARG B 58 18.20 -5.98 -12.95
CA ARG B 58 18.08 -7.02 -13.97
C ARG B 58 18.12 -8.38 -13.26
N VAL B 59 17.10 -9.20 -13.45
CA VAL B 59 17.07 -10.57 -12.90
C VAL B 59 17.44 -11.57 -14.04
N GLU B 60 18.60 -12.19 -13.92
CA GLU B 60 19.12 -13.22 -14.82
C GLU B 60 18.51 -14.57 -14.46
N VAL B 61 17.88 -15.27 -15.41
CA VAL B 61 17.27 -16.57 -15.20
C VAL B 61 18.18 -17.62 -15.80
N HIS B 62 18.96 -18.35 -15.01
CA HIS B 62 19.96 -19.25 -15.57
C HIS B 62 19.53 -20.60 -16.06
N GLY B 63 18.42 -21.20 -15.71
CA GLY B 63 18.00 -22.50 -16.16
C GLY B 63 16.69 -22.49 -16.94
N GLY B 64 16.12 -23.67 -17.12
CA GLY B 64 14.91 -23.82 -17.93
C GLY B 64 15.37 -23.77 -19.40
N ASP B 65 14.45 -23.61 -20.32
CA ASP B 65 14.84 -23.51 -21.75
C ASP B 65 13.97 -22.43 -22.37
N MET B 66 14.24 -22.03 -23.60
CA MET B 66 13.54 -20.99 -24.33
C MET B 66 12.04 -21.20 -24.53
N ARG B 67 11.57 -22.44 -24.51
CA ARG B 67 10.16 -22.75 -24.65
C ARG B 67 9.41 -22.83 -23.32
N SER B 68 10.03 -22.48 -22.20
CA SER B 68 9.32 -22.45 -20.92
C SER B 68 9.33 -21.01 -20.43
N PHE B 69 8.20 -20.53 -19.88
CA PHE B 69 8.14 -19.15 -19.41
C PHE B 69 8.05 -19.09 -17.89
N PHE B 70 8.62 -18.06 -17.28
CA PHE B 70 8.67 -17.88 -15.82
C PHE B 70 8.14 -16.52 -15.40
N THR B 71 7.50 -16.47 -14.22
CA THR B 71 6.98 -15.23 -13.64
C THR B 71 7.85 -14.85 -12.43
N LEU B 72 8.15 -13.59 -12.24
CA LEU B 72 8.94 -13.05 -11.15
C LEU B 72 8.10 -12.13 -10.26
N ILE B 73 8.09 -12.31 -8.94
CA ILE B 73 7.36 -11.45 -8.00
C ILE B 73 8.34 -10.86 -6.97
N MET B 74 8.31 -9.57 -6.72
CA MET B 74 9.12 -8.88 -5.72
C MET B 74 8.18 -8.38 -4.61
N THR B 75 8.34 -8.76 -3.33
CA THR B 75 7.38 -8.38 -2.28
C THR B 75 8.06 -8.08 -0.94
N ASP B 76 7.40 -7.30 -0.08
CA ASP B 76 7.91 -6.95 1.25
C ASP B 76 6.91 -7.42 2.30
N PRO B 77 7.22 -8.43 3.11
CA PRO B 77 6.31 -8.91 4.13
C PRO B 77 6.37 -8.20 5.49
N ASP B 78 7.23 -7.24 5.71
CA ASP B 78 7.49 -6.59 6.98
C ASP B 78 6.92 -5.18 7.06
N VAL B 79 5.64 -4.99 6.72
CA VAL B 79 5.07 -3.63 6.65
C VAL B 79 3.95 -3.40 7.67
N PRO B 80 4.02 -2.26 8.38
CA PRO B 80 4.98 -1.22 8.21
C PRO B 80 6.31 -1.42 8.90
N GLY B 81 6.38 -2.44 9.75
CA GLY B 81 7.67 -2.76 10.46
C GLY B 81 7.62 -4.25 10.82
N PRO B 82 8.75 -4.91 10.99
CA PRO B 82 8.80 -6.37 11.15
C PRO B 82 8.23 -6.92 12.46
N SER B 83 8.22 -6.12 13.53
CA SER B 83 7.69 -6.57 14.81
C SER B 83 6.18 -6.69 14.83
N ASP B 84 5.44 -5.87 14.10
CA ASP B 84 4.00 -5.91 14.01
C ASP B 84 3.62 -5.58 12.57
N PRO B 85 3.74 -6.58 11.69
CA PRO B 85 3.51 -6.42 10.24
C PRO B 85 2.07 -6.58 9.82
N TYR B 86 1.24 -5.65 10.32
CA TYR B 86 -0.21 -5.72 10.13
C TYR B 86 -0.67 -5.33 8.75
N LEU B 87 0.15 -4.71 7.87
CA LEU B 87 -0.25 -4.45 6.50
C LEU B 87 0.37 -5.42 5.50
N ARG B 88 0.97 -6.53 5.91
CA ARG B 88 1.62 -7.38 4.87
C ARG B 88 0.67 -8.06 3.90
N GLU B 89 1.14 -8.32 2.67
CA GLU B 89 2.47 -7.90 2.20
C GLU B 89 2.33 -6.65 1.32
N HIS B 90 3.40 -5.89 1.05
CA HIS B 90 3.38 -4.78 0.09
C HIS B 90 4.08 -5.23 -1.20
N LEU B 91 3.39 -5.24 -2.34
CA LEU B 91 3.95 -5.74 -3.61
C LEU B 91 4.73 -4.67 -4.35
N HIS B 92 5.96 -5.01 -4.78
CA HIS B 92 6.79 -4.06 -5.46
C HIS B 92 6.91 -4.28 -6.99
N TRP B 93 6.72 -5.49 -7.49
CA TRP B 93 7.04 -5.76 -8.92
C TRP B 93 6.48 -7.08 -9.39
N ILE B 94 5.96 -7.18 -10.63
CA ILE B 94 5.52 -8.43 -11.22
C ILE B 94 5.91 -8.41 -12.73
N VAL B 95 6.67 -9.39 -13.18
CA VAL B 95 7.08 -9.54 -14.58
C VAL B 95 6.62 -10.95 -15.02
N THR B 96 5.92 -11.11 -16.16
CA THR B 96 5.51 -12.44 -16.60
C THR B 96 6.14 -12.88 -17.93
N ASP B 97 6.04 -14.16 -18.27
CA ASP B 97 6.54 -14.67 -19.56
C ASP B 97 8.02 -14.44 -19.83
N ILE B 98 8.89 -14.64 -18.88
CA ILE B 98 10.34 -14.55 -19.09
C ILE B 98 10.83 -15.89 -19.63
N PRO B 99 11.45 -15.97 -20.82
CA PRO B 99 11.92 -17.22 -21.35
C PRO B 99 13.06 -17.83 -20.57
N GLY B 100 13.12 -19.15 -20.37
CA GLY B 100 14.23 -19.81 -19.70
C GLY B 100 15.55 -19.40 -20.37
N THR B 101 16.65 -19.31 -19.67
CA THR B 101 17.99 -18.90 -19.97
C THR B 101 18.20 -17.46 -20.36
N THR B 102 17.18 -16.58 -20.27
CA THR B 102 17.36 -15.17 -20.64
C THR B 102 17.28 -14.28 -19.38
N ASP B 103 16.50 -13.18 -19.36
CA ASP B 103 16.47 -12.32 -18.17
C ASP B 103 15.22 -11.47 -18.12
N SER B 104 14.91 -10.78 -16.99
CA SER B 104 13.69 -10.00 -16.84
C SER B 104 13.40 -8.93 -17.89
N SER B 105 14.38 -8.36 -18.57
CA SER B 105 14.13 -7.40 -19.63
C SER B 105 13.34 -8.03 -20.79
N PHE B 106 13.40 -9.35 -21.01
CA PHE B 106 12.70 -9.97 -22.11
C PHE B 106 11.27 -10.38 -21.78
N GLY B 107 10.77 -10.20 -20.55
CA GLY B 107 9.43 -10.57 -20.22
C GLY B 107 8.48 -9.39 -20.35
N LYS B 108 7.25 -9.51 -19.82
CA LYS B 108 6.27 -8.42 -19.88
C LYS B 108 5.94 -7.86 -18.50
N GLU B 109 6.02 -6.55 -18.36
CA GLU B 109 5.72 -5.89 -17.11
C GLU B 109 4.24 -5.94 -16.74
N VAL B 110 3.88 -6.57 -15.62
CA VAL B 110 2.46 -6.63 -15.20
C VAL B 110 2.23 -5.55 -14.14
N VAL B 111 3.08 -5.48 -13.13
CA VAL B 111 3.03 -4.43 -12.09
C VAL B 111 4.39 -3.74 -12.08
N SER B 112 4.48 -2.43 -12.31
CA SER B 112 5.72 -1.69 -12.44
C SER B 112 6.57 -1.65 -11.16
N TYR B 113 7.90 -1.64 -11.32
CA TYR B 113 8.82 -1.62 -10.21
C TYR B 113 8.61 -0.41 -9.32
N GLU B 114 8.57 -0.60 -7.99
CA GLU B 114 8.45 0.47 -7.03
C GLU B 114 9.69 0.43 -6.13
N MET B 115 10.38 1.56 -5.94
CA MET B 115 11.63 1.46 -5.16
C MET B 115 11.42 1.23 -3.67
N PRO B 116 12.31 0.49 -3.02
CA PRO B 116 12.22 0.27 -1.58
C PRO B 116 12.30 1.57 -0.79
N ARG B 117 11.39 1.72 0.19
CA ARG B 117 11.42 2.92 1.05
C ARG B 117 10.81 2.49 2.39
N PRO B 118 11.48 1.64 3.15
CA PRO B 118 10.96 1.04 4.37
C PRO B 118 10.64 1.98 5.50
N ASN B 119 9.46 1.85 6.13
CA ASN B 119 9.05 2.81 7.17
C ASN B 119 9.74 2.52 8.49
N ILE B 120 9.36 1.48 9.21
CA ILE B 120 9.91 1.18 10.53
C ILE B 120 10.88 -0.02 10.51
N GLY B 121 12.07 0.16 11.08
CA GLY B 121 12.99 -0.99 11.23
C GLY B 121 13.57 -1.62 9.97
N ILE B 122 14.06 -2.85 10.04
CA ILE B 122 14.71 -3.51 8.92
C ILE B 122 13.76 -4.41 8.15
N HIS B 123 13.60 -4.29 6.84
CA HIS B 123 12.65 -5.06 6.07
C HIS B 123 13.32 -6.03 5.08
N ARG B 124 12.73 -7.18 4.81
CA ARG B 124 13.19 -8.11 3.81
C ARG B 124 12.56 -7.75 2.46
N PHE B 125 13.28 -7.59 1.37
CA PHE B 125 12.82 -7.36 0.03
C PHE B 125 13.08 -8.67 -0.73
N VAL B 126 12.03 -9.43 -0.99
CA VAL B 126 12.11 -10.79 -1.51
C VAL B 126 11.76 -10.98 -2.99
N PHE B 127 12.56 -11.75 -3.72
CA PHE B 127 12.35 -12.01 -5.14
C PHE B 127 12.09 -13.50 -5.34
N LEU B 128 10.94 -13.87 -5.93
CA LEU B 128 10.57 -15.26 -6.12
C LEU B 128 10.28 -15.57 -7.60
N LEU B 129 10.71 -16.73 -8.05
CA LEU B 129 10.50 -17.14 -9.46
C LEU B 129 9.61 -18.37 -9.57
N PHE B 130 8.64 -18.38 -10.48
CA PHE B 130 7.72 -19.53 -10.65
C PHE B 130 7.68 -20.00 -12.12
N LYS B 131 7.52 -21.31 -12.34
CA LYS B 131 7.42 -21.82 -13.71
C LYS B 131 5.94 -21.80 -14.14
N GLN B 132 5.65 -21.21 -15.30
CA GLN B 132 4.30 -21.13 -15.82
C GLN B 132 3.85 -22.45 -16.47
N LYS B 133 2.53 -22.63 -16.45
CA LYS B 133 1.86 -23.74 -17.08
C LYS B 133 1.32 -23.20 -18.42
N LYS B 134 0.71 -22.03 -18.20
CA LYS B 134 0.05 -21.22 -19.20
C LYS B 134 0.56 -19.78 -19.24
N ARG B 135 0.34 -19.09 -20.34
CA ARG B 135 0.84 -17.75 -20.61
C ARG B 135 0.09 -16.60 -19.94
N VAL B 144 -6.05 -3.32 -11.58
CA VAL B 144 -5.70 -4.69 -11.26
C VAL B 144 -5.14 -4.85 -9.85
N VAL B 145 -4.35 -5.89 -9.69
CA VAL B 145 -3.64 -6.25 -8.48
C VAL B 145 -3.37 -5.03 -7.61
N CYS B 146 -4.00 -5.02 -6.43
CA CYS B 146 -3.74 -3.97 -5.47
C CYS B 146 -2.38 -4.36 -4.83
N ARG B 147 -1.53 -3.37 -4.53
CA ARG B 147 -0.25 -3.69 -3.89
C ARG B 147 -0.38 -3.79 -2.39
N ASP B 148 -1.40 -3.21 -1.74
CA ASP B 148 -1.53 -3.28 -0.30
C ASP B 148 -2.26 -4.52 0.16
N GLY B 149 -1.71 -5.22 1.16
CA GLY B 149 -2.35 -6.45 1.64
C GLY B 149 -2.20 -7.57 0.59
N PHE B 150 -1.17 -7.56 -0.26
CA PHE B 150 -1.00 -8.65 -1.25
C PHE B 150 -0.66 -9.95 -0.54
N ASN B 151 -1.00 -11.11 -1.09
CA ASN B 151 -0.72 -12.40 -0.49
C ASN B 151 -0.14 -13.35 -1.55
N THR B 152 1.15 -13.67 -1.50
CA THR B 152 1.81 -14.48 -2.50
C THR B 152 1.22 -15.90 -2.59
N ARG B 153 0.91 -16.63 -1.51
CA ARG B 153 0.27 -17.92 -1.58
C ARG B 153 -1.04 -17.86 -2.40
N LYS B 154 -1.89 -16.88 -2.09
CA LYS B 154 -3.16 -16.79 -2.85
C LYS B 154 -2.99 -16.49 -4.32
N PHE B 155 -2.19 -15.50 -4.69
CA PHE B 155 -1.97 -15.09 -6.08
C PHE B 155 -1.35 -16.29 -6.83
N THR B 156 -0.39 -17.02 -6.26
CA THR B 156 0.16 -18.19 -6.99
C THR B 156 -0.85 -19.31 -7.15
N GLN B 157 -1.71 -19.59 -6.18
CA GLN B 157 -2.78 -20.58 -6.26
C GLN B 157 -3.80 -20.16 -7.32
N GLU B 158 -4.25 -18.90 -7.33
CA GLU B 158 -5.23 -18.44 -8.30
C GLU B 158 -4.75 -18.48 -9.73
N ASN B 159 -3.46 -18.28 -10.00
CA ASN B 159 -2.89 -18.30 -11.33
C ASN B 159 -2.14 -19.60 -11.61
N GLU B 160 -2.32 -20.62 -10.78
CA GLU B 160 -1.68 -21.92 -10.94
C GLU B 160 -0.17 -21.81 -11.23
N LEU B 161 0.56 -21.12 -10.37
CA LEU B 161 1.99 -20.93 -10.54
C LEU B 161 2.80 -21.91 -9.75
N GLY B 162 2.16 -22.79 -8.97
CA GLY B 162 2.87 -23.79 -8.18
C GLY B 162 3.75 -23.17 -7.09
N LEU B 163 4.73 -23.92 -6.61
CA LEU B 163 5.73 -23.50 -5.62
C LEU B 163 6.88 -22.82 -6.34
N PRO B 164 7.64 -21.97 -5.67
CA PRO B 164 8.77 -21.32 -6.31
C PRO B 164 9.78 -22.33 -6.86
N VAL B 165 10.53 -21.94 -7.90
CA VAL B 165 11.66 -22.71 -8.39
C VAL B 165 12.98 -22.08 -7.95
N ALA B 166 12.96 -20.83 -7.44
CA ALA B 166 14.11 -20.15 -6.90
C ALA B 166 13.66 -18.89 -6.08
N ALA B 167 14.50 -18.43 -5.17
CA ALA B 167 14.17 -17.19 -4.46
C ALA B 167 15.42 -16.60 -3.83
N VAL B 168 15.47 -15.28 -3.61
CA VAL B 168 16.59 -14.62 -2.95
C VAL B 168 16.08 -13.34 -2.27
N PHE B 169 16.72 -12.84 -1.20
CA PHE B 169 16.25 -11.59 -0.57
C PHE B 169 17.41 -10.73 -0.03
N PHE B 170 17.22 -9.41 0.09
CA PHE B 170 18.14 -8.50 0.75
C PHE B 170 17.42 -7.72 1.87
N ASN B 171 18.18 -7.21 2.84
CA ASN B 171 17.65 -6.44 3.96
C ASN B 171 17.77 -4.94 3.64
N CYS B 172 16.80 -4.10 4.09
CA CYS B 172 16.95 -2.64 3.83
C CYS B 172 16.24 -1.80 4.89
N GLN B 173 16.79 -0.71 5.37
CA GLN B 173 16.18 0.18 6.37
C GLN B 173 16.26 1.64 5.95
N ARG B 174 15.55 2.58 6.58
CA ARG B 174 15.58 3.98 6.20
C ARG B 174 16.97 4.52 6.45
N GLU B 175 17.49 5.44 5.66
CA GLU B 175 18.85 5.94 5.77
C GLU B 175 19.05 6.83 7.00
#